data_8U0Z
#
_entry.id   8U0Z
#
_cell.length_a   50.007
_cell.length_b   95.699
_cell.length_c   112.205
_cell.angle_alpha   90.00
_cell.angle_beta   90.00
_cell.angle_gamma   90.00
#
_symmetry.space_group_name_H-M   'P 21 21 21'
#
loop_
_entity.id
_entity.type
_entity.pdbx_description
1 polymer "Uridine 5'-monophosphate synthase"
2 non-polymer 1,2-ETHANEDIOL
3 non-polymer "ANY 5'-MONOPHOSPHATE NUCLEOTIDE"
4 non-polymer GLYCEROL
5 non-polymer DI(HYDROXYETHYL)ETHER
6 water water
#
_entity_poly.entity_id   1
_entity_poly.type   'polypeptide(L)'
_entity_poly.pdbx_seq_one_letter_code
;VKFRLPYGERVRLAKNPTGKKLFEIMIQKETNLCLAADVATAAELLDIADKVGPEICMLKTHVDILPDFTPDFGSKLRSI
AEKHNFLIFEDRKFADIGNTVTMQYEGGIFKILDWADIVNAHIVSGPGIVDGLKLKGLPRGRGLLLLAEMSSSGNFAKGD
YTAAAVKIAEGHSDFVIGFISVNPASWPSGPGNPALIHATPGVQLAKGGDALGQQYNTPFSVISERGSDIIIVGRGIIKA
ANPAEVAREYRLQGWDAYLLHCK
;
_entity_poly.pdbx_strand_id   A,B
#
loop_
_chem_comp.id
_chem_comp.type
_chem_comp.name
_chem_comp.formula
EDO non-polymer 1,2-ETHANEDIOL 'C2 H6 O2'
GOL non-polymer GLYCEROL 'C3 H8 O3'
N RNA linking 'ANY 5'-MONOPHOSPHATE NUCLEOTIDE' 'C5 H11 O7 P'
PEG non-polymer DI(HYDROXYETHYL)ETHER 'C4 H10 O3'
#
# COMPACT_ATOMS: atom_id res chain seq x y z
N PHE A 3 -19.71 28.04 -11.28
CA PHE A 3 -18.43 28.77 -11.16
C PHE A 3 -17.31 27.95 -10.51
N ARG A 4 -16.17 27.85 -11.19
CA ARG A 4 -14.93 27.34 -10.61
C ARG A 4 -13.82 28.23 -11.14
N LEU A 5 -12.72 28.30 -10.39
CA LEU A 5 -11.65 29.15 -10.83
C LEU A 5 -10.89 28.52 -12.00
N PRO A 6 -10.47 29.31 -12.97
CA PRO A 6 -9.56 28.79 -13.99
C PRO A 6 -8.25 28.33 -13.35
N TYR A 7 -7.61 27.35 -13.98
CA TYR A 7 -6.37 26.82 -13.41
C TYR A 7 -5.34 27.92 -13.26
N GLY A 8 -5.25 28.83 -14.25
CA GLY A 8 -4.26 29.89 -14.16
C GLY A 8 -4.44 30.80 -12.96
N GLU A 9 -5.67 30.94 -12.47
CA GLU A 9 -5.96 31.76 -11.29
C GLU A 9 -5.68 31.02 -10.00
N ARG A 10 -5.39 29.74 -10.07
CA ARG A 10 -5.08 28.93 -8.89
C ARG A 10 -3.58 28.81 -8.65
N VAL A 11 -2.73 29.17 -9.63
CA VAL A 11 -1.28 29.07 -9.50
C VAL A 11 -0.82 29.84 -8.26
N ARG A 12 -1.35 31.07 -8.07
CA ARG A 12 -0.94 31.93 -6.97
C ARG A 12 -1.36 31.38 -5.62
N LEU A 13 -2.31 30.43 -5.59
CA LEU A 13 -2.80 29.88 -4.33
C LEU A 13 -2.01 28.67 -3.87
N ALA A 14 -1.30 27.98 -4.76
CA ALA A 14 -0.61 26.76 -4.37
C ALA A 14 0.44 27.06 -3.31
N LYS A 15 0.47 26.30 -2.22
CA LYS A 15 1.46 26.53 -1.17
C LYS A 15 2.68 25.63 -1.28
N ASN A 16 2.75 24.76 -2.28
CA ASN A 16 3.89 23.89 -2.47
C ASN A 16 4.42 24.04 -3.89
N PRO A 17 5.72 23.93 -4.13
CA PRO A 17 6.25 24.26 -5.48
C PRO A 17 5.86 23.23 -6.54
N THR A 18 5.71 21.96 -6.16
CA THR A 18 5.25 20.99 -7.14
C THR A 18 3.78 21.19 -7.45
N GLY A 19 2.96 21.51 -6.45
CA GLY A 19 1.57 21.89 -6.74
C GLY A 19 1.49 23.08 -7.67
N LYS A 20 2.29 24.10 -7.42
CA LYS A 20 2.27 25.27 -8.31
C LYS A 20 2.66 24.86 -9.73
N LYS A 21 3.72 24.08 -9.87
CA LYS A 21 4.18 23.65 -11.19
C LYS A 21 3.11 22.86 -11.92
N LEU A 22 2.37 22.01 -11.20
CA LEU A 22 1.32 21.24 -11.86
C LEU A 22 0.27 22.15 -12.50
N PHE A 23 -0.22 23.14 -11.76
CA PHE A 23 -1.15 24.08 -12.39
C PHE A 23 -0.51 24.79 -13.57
N GLU A 24 0.75 25.20 -13.44
CA GLU A 24 1.41 25.91 -14.54
C GLU A 24 1.51 25.03 -15.79
N ILE A 25 1.84 23.73 -15.63
CA ILE A 25 1.93 22.84 -16.79
C ILE A 25 0.56 22.69 -17.44
N MET A 26 -0.47 22.48 -16.64
CA MET A 26 -1.81 22.32 -17.20
C MET A 26 -2.18 23.50 -18.09
N ILE A 27 -1.89 24.71 -17.66
CA ILE A 27 -2.25 25.89 -18.48
C ILE A 27 -1.34 26.05 -19.67
N GLN A 28 -0.04 25.78 -19.51
CA GLN A 28 0.91 25.88 -20.62
C GLN A 28 0.51 24.97 -21.77
N LYS A 29 0.15 23.74 -21.47
CA LYS A 29 -0.07 22.71 -22.45
C LYS A 29 -1.53 22.50 -22.78
N GLU A 30 -2.42 23.18 -22.05
CA GLU A 30 -3.87 22.96 -22.22
C GLU A 30 -4.21 21.49 -22.06
N THR A 31 -3.79 20.92 -20.90
CA THR A 31 -4.11 19.52 -20.64
C THR A 31 -4.40 19.34 -19.16
N ASN A 32 -5.36 18.47 -18.90
CA ASN A 32 -5.60 18.01 -17.53
C ASN A 32 -5.53 16.49 -17.48
N LEU A 33 -4.82 15.88 -18.42
CA LEU A 33 -4.73 14.44 -18.55
C LEU A 33 -3.46 13.90 -17.86
N CYS A 34 -3.63 12.84 -17.08
CA CYS A 34 -2.51 12.10 -16.53
C CYS A 34 -2.57 10.69 -17.11
N LEU A 35 -1.47 10.23 -17.68
CA LEU A 35 -1.38 8.88 -18.18
C LEU A 35 -0.89 7.95 -17.09
N ALA A 36 -1.65 6.88 -16.83
CA ALA A 36 -1.24 5.83 -15.90
C ALA A 36 -0.53 4.79 -16.76
N ALA A 37 0.80 4.81 -16.75
CA ALA A 37 1.56 4.03 -17.74
C ALA A 37 1.81 2.60 -17.25
N ASP A 38 0.72 1.82 -17.07
CA ASP A 38 0.79 0.52 -16.39
C ASP A 38 1.05 -0.60 -17.38
N VAL A 39 2.15 -0.44 -18.11
CA VAL A 39 2.64 -1.38 -19.12
C VAL A 39 3.53 -2.42 -18.48
N ALA A 40 3.95 -3.41 -19.29
CA ALA A 40 4.63 -4.58 -18.71
C ALA A 40 6.08 -4.34 -18.34
N THR A 41 6.75 -3.36 -18.98
CA THR A 41 8.18 -3.19 -18.75
C THR A 41 8.52 -1.71 -18.68
N ALA A 42 9.65 -1.43 -18.01
CA ALA A 42 10.18 -0.08 -17.97
C ALA A 42 10.55 0.39 -19.36
N ALA A 43 11.05 -0.52 -20.22
CA ALA A 43 11.35 -0.12 -21.61
C ALA A 43 10.11 0.39 -22.30
N GLU A 44 9.00 -0.32 -22.13
CA GLU A 44 7.73 0.14 -22.72
C GLU A 44 7.23 1.41 -22.07
N LEU A 45 7.44 1.55 -20.74
CA LEU A 45 7.01 2.78 -20.07
C LEU A 45 7.71 3.99 -20.66
N LEU A 46 9.04 3.89 -20.83
CA LEU A 46 9.78 5.03 -21.34
C LEU A 46 9.35 5.35 -22.78
N ASP A 47 9.06 4.30 -23.56
CA ASP A 47 8.61 4.52 -24.94
C ASP A 47 7.25 5.21 -24.98
N ILE A 48 6.29 4.74 -24.17
CA ILE A 48 4.98 5.35 -24.19
C ILE A 48 4.99 6.74 -23.59
N ALA A 49 5.86 7.00 -22.59
CA ALA A 49 5.95 8.34 -22.04
C ALA A 49 6.45 9.33 -23.08
N ASP A 50 7.40 8.88 -23.92
CA ASP A 50 7.87 9.72 -25.00
C ASP A 50 6.76 9.94 -26.05
N LYS A 51 5.99 8.91 -26.37
CA LYS A 51 4.96 9.06 -27.40
C LYS A 51 3.79 9.92 -26.93
N VAL A 52 3.38 9.76 -25.66
CA VAL A 52 2.17 10.38 -25.12
C VAL A 52 2.50 11.65 -24.36
N GLY A 53 3.80 11.88 -24.06
CA GLY A 53 4.21 13.02 -23.29
C GLY A 53 3.66 14.37 -23.68
N PRO A 54 3.56 14.69 -24.98
CA PRO A 54 2.97 15.99 -25.36
C PRO A 54 1.55 16.23 -24.87
N GLU A 55 0.81 15.16 -24.58
CA GLU A 55 -0.61 15.25 -24.27
C GLU A 55 -0.92 15.36 -22.80
N ILE A 56 0.10 15.26 -21.92
CA ILE A 56 -0.18 14.99 -20.50
C ILE A 56 0.43 16.05 -19.59
N CYS A 57 -0.20 16.23 -18.43
CA CYS A 57 0.43 17.06 -17.40
C CYS A 57 1.26 16.20 -16.44
N MET A 58 0.97 14.92 -16.36
CA MET A 58 1.61 14.04 -15.40
C MET A 58 1.62 12.65 -15.97
N LEU A 59 2.70 11.93 -15.69
CA LEU A 59 2.86 10.54 -16.00
C LEU A 59 2.87 9.80 -14.67
N LYS A 60 1.91 8.92 -14.49
CA LYS A 60 1.79 8.15 -13.25
C LYS A 60 2.39 6.75 -13.46
N THR A 61 3.28 6.36 -12.56
CA THR A 61 4.01 5.09 -12.63
C THR A 61 3.64 4.18 -11.45
N HIS A 62 3.78 2.88 -11.69
CA HIS A 62 3.91 1.91 -10.59
C HIS A 62 5.28 1.26 -10.75
N VAL A 63 6.29 1.81 -10.09
CA VAL A 63 7.63 1.30 -10.39
C VAL A 63 7.81 -0.16 -10.00
N ASP A 64 7.00 -0.64 -9.06
CA ASP A 64 7.13 -1.99 -8.54
C ASP A 64 6.49 -3.03 -9.44
N ILE A 65 5.94 -2.67 -10.60
CA ILE A 65 5.43 -3.68 -11.53
C ILE A 65 6.38 -3.96 -12.71
N LEU A 66 7.54 -3.30 -12.74
CA LEU A 66 8.43 -3.31 -13.91
C LEU A 66 9.59 -4.28 -13.65
N PRO A 67 9.60 -5.44 -14.29
CA PRO A 67 10.64 -6.44 -13.95
C PRO A 67 12.03 -6.06 -14.45
N ASP A 68 12.12 -5.11 -15.38
CA ASP A 68 13.38 -4.64 -15.91
C ASP A 68 13.84 -3.34 -15.28
N PHE A 69 13.26 -2.95 -14.15
CA PHE A 69 13.73 -1.77 -13.44
C PHE A 69 15.21 -1.86 -13.14
N THR A 70 15.93 -0.79 -13.39
CA THR A 70 17.34 -0.67 -13.04
C THR A 70 17.59 0.73 -12.47
N PRO A 71 18.73 0.96 -11.83
CA PRO A 71 18.95 2.25 -11.19
C PRO A 71 19.07 3.45 -12.14
N ASP A 72 19.11 3.24 -13.47
CA ASP A 72 19.07 4.38 -14.37
C ASP A 72 17.66 4.79 -14.80
N PHE A 73 16.64 4.11 -14.27
CA PHE A 73 15.26 4.39 -14.65
C PHE A 73 14.87 5.83 -14.36
N GLY A 74 15.15 6.31 -13.13
CA GLY A 74 14.70 7.63 -12.76
C GLY A 74 15.24 8.71 -13.67
N SER A 75 16.53 8.62 -14.00
CA SER A 75 17.12 9.63 -14.87
C SER A 75 16.51 9.55 -16.25
N LYS A 76 16.33 8.36 -16.77
CA LYS A 76 15.76 8.24 -18.12
C LYS A 76 14.34 8.80 -18.19
N LEU A 77 13.53 8.53 -17.15
CA LEU A 77 12.18 9.07 -17.16
C LEU A 77 12.18 10.58 -16.94
N ARG A 78 13.08 11.10 -16.06
CA ARG A 78 13.17 12.55 -15.89
C ARG A 78 13.58 13.24 -17.18
N SER A 79 14.41 12.58 -18.01
CA SER A 79 14.79 13.23 -19.26
C SER A 79 13.59 13.37 -20.16
N ILE A 80 12.71 12.37 -20.18
CA ILE A 80 11.50 12.47 -21.00
C ILE A 80 10.53 13.51 -20.43
N ALA A 81 10.41 13.58 -19.09
CA ALA A 81 9.57 14.56 -18.43
C ALA A 81 10.02 15.97 -18.79
N GLU A 82 11.34 16.20 -18.85
N GLU A 82 11.34 16.20 -18.83
CA GLU A 82 11.85 17.51 -19.21
CA GLU A 82 11.86 17.50 -19.20
C GLU A 82 11.60 17.79 -20.69
C GLU A 82 11.62 17.78 -20.67
N LYS A 83 11.79 16.77 -21.52
CA LYS A 83 11.60 16.96 -22.97
C LYS A 83 10.18 17.36 -23.28
N HIS A 84 9.21 16.75 -22.62
CA HIS A 84 7.79 16.99 -22.95
C HIS A 84 7.07 17.82 -21.93
N ASN A 85 7.72 18.25 -20.86
CA ASN A 85 7.12 19.13 -19.84
C ASN A 85 5.93 18.45 -19.13
N PHE A 86 6.24 17.41 -18.38
CA PHE A 86 5.25 16.82 -17.49
C PHE A 86 5.92 16.47 -16.14
N LEU A 87 5.08 16.28 -15.12
CA LEU A 87 5.57 15.80 -13.81
C LEU A 87 5.42 14.29 -13.70
N ILE A 88 6.25 13.68 -12.85
CA ILE A 88 6.21 12.26 -12.60
C ILE A 88 5.56 11.98 -11.26
N PHE A 89 4.55 11.11 -11.28
CA PHE A 89 3.77 10.76 -10.09
C PHE A 89 3.97 9.26 -9.88
N GLU A 90 4.69 8.86 -8.82
CA GLU A 90 4.75 7.46 -8.47
C GLU A 90 3.60 7.09 -7.54
N ASP A 91 2.73 6.21 -8.02
CA ASP A 91 1.51 5.83 -7.32
C ASP A 91 1.80 4.69 -6.32
N ARG A 92 2.57 5.03 -5.31
CA ARG A 92 3.04 4.04 -4.36
C ARG A 92 2.04 3.76 -3.28
N LYS A 93 1.05 4.62 -3.08
CA LYS A 93 0.00 4.43 -2.06
C LYS A 93 0.64 4.05 -0.72
N PHE A 94 1.56 4.87 -0.27
CA PHE A 94 2.17 4.64 1.06
C PHE A 94 1.07 4.44 2.08
N ALA A 95 1.25 3.46 2.98
CA ALA A 95 0.16 3.11 3.89
C ALA A 95 0.72 2.44 5.13
N ASP A 96 1.95 2.75 5.50
CA ASP A 96 2.58 2.18 6.67
C ASP A 96 2.73 3.27 7.73
N ILE A 97 3.50 2.92 8.77
CA ILE A 97 3.70 3.88 9.86
C ILE A 97 4.79 4.85 9.40
N GLY A 98 4.94 5.97 10.12
CA GLY A 98 5.81 7.04 9.63
C GLY A 98 7.26 6.59 9.40
N ASN A 99 7.85 5.88 10.37
CA ASN A 99 9.27 5.54 10.24
C ASN A 99 9.53 4.65 9.03
N THR A 100 8.62 3.73 8.76
CA THR A 100 8.81 2.80 7.64
C THR A 100 8.57 3.56 6.33
N VAL A 101 7.57 4.44 6.28
CA VAL A 101 7.31 5.11 4.99
C VAL A 101 8.45 6.00 4.61
N THR A 102 9.16 6.60 5.57
CA THR A 102 10.30 7.44 5.21
C THR A 102 11.30 6.62 4.41
N MET A 103 11.61 5.42 4.90
N MET A 103 11.61 5.39 4.86
CA MET A 103 12.56 4.56 4.22
CA MET A 103 12.61 4.60 4.13
C MET A 103 12.05 4.12 2.87
C MET A 103 12.06 3.96 2.86
N GLN A 104 10.75 3.78 2.75
CA GLN A 104 10.18 3.27 1.50
C GLN A 104 10.12 4.38 0.46
N TYR A 105 10.22 5.62 0.89
CA TYR A 105 10.20 6.77 -0.02
C TYR A 105 11.61 7.15 -0.43
N GLU A 106 12.53 7.30 0.52
CA GLU A 106 13.87 7.78 0.20
C GLU A 106 14.80 6.68 -0.25
N GLY A 107 14.58 5.46 0.23
CA GLY A 107 15.61 4.42 0.11
C GLY A 107 15.24 3.19 -0.67
N GLY A 108 15.73 2.02 -0.27
CA GLY A 108 15.53 0.84 -0.97
C GLY A 108 16.12 0.85 -2.37
N ILE A 109 15.63 -0.05 -3.18
CA ILE A 109 16.10 -0.19 -4.55
C ILE A 109 15.50 0.91 -5.45
N PHE A 110 14.30 1.40 -5.14
CA PHE A 110 13.65 2.29 -6.10
C PHE A 110 14.04 3.73 -5.89
N LYS A 111 14.37 4.15 -4.68
CA LYS A 111 14.70 5.51 -4.33
C LYS A 111 13.72 6.51 -4.98
N ILE A 112 12.45 6.26 -4.69
CA ILE A 112 11.35 7.02 -5.33
C ILE A 112 11.55 8.53 -5.19
N LEU A 113 11.93 9.03 -4.01
CA LEU A 113 12.14 10.45 -3.76
C LEU A 113 13.09 11.11 -4.78
N ASP A 114 14.02 10.32 -5.34
CA ASP A 114 15.00 10.89 -6.27
C ASP A 114 14.36 11.35 -7.57
N TRP A 115 13.29 10.68 -8.01
CA TRP A 115 12.79 10.90 -9.38
C TRP A 115 11.29 11.17 -9.47
N ALA A 116 10.51 10.97 -8.43
CA ALA A 116 9.08 11.27 -8.50
C ALA A 116 8.81 12.67 -7.96
N ASP A 117 8.18 13.55 -8.78
CA ASP A 117 7.74 14.83 -8.25
C ASP A 117 6.63 14.66 -7.22
N ILE A 118 5.75 13.70 -7.46
CA ILE A 118 4.52 13.52 -6.67
C ILE A 118 4.44 12.07 -6.28
N VAL A 119 4.02 11.82 -5.01
CA VAL A 119 3.60 10.49 -4.58
C VAL A 119 2.23 10.65 -3.92
N ASN A 120 1.63 9.52 -3.58
CA ASN A 120 0.36 9.54 -2.83
C ASN A 120 0.42 8.65 -1.61
N ALA A 121 -0.52 8.87 -0.71
CA ALA A 121 -0.56 8.12 0.53
C ALA A 121 -2.00 7.94 0.94
N HIS A 122 -2.26 6.79 1.55
CA HIS A 122 -3.50 6.57 2.27
C HIS A 122 -3.41 7.23 3.64
N ILE A 123 -4.59 7.58 4.17
CA ILE A 123 -4.63 8.13 5.54
C ILE A 123 -4.91 7.06 6.57
N VAL A 124 -5.17 5.82 6.17
CA VAL A 124 -5.67 4.80 7.11
C VAL A 124 -4.74 4.61 8.30
N SER A 125 -3.43 4.74 8.11
CA SER A 125 -2.49 4.52 9.23
C SER A 125 -2.37 5.73 10.13
N GLY A 126 -3.06 6.82 9.82
CA GLY A 126 -3.08 7.99 10.68
C GLY A 126 -2.29 9.13 10.08
N PRO A 127 -2.45 10.32 10.63
CA PRO A 127 -1.84 11.51 10.02
C PRO A 127 -0.34 11.51 10.06
N GLY A 128 0.29 10.73 10.93
CA GLY A 128 1.74 10.70 10.99
C GLY A 128 2.39 10.24 9.69
N ILE A 129 1.65 9.54 8.84
CA ILE A 129 2.22 9.18 7.55
C ILE A 129 2.65 10.41 6.78
N VAL A 130 1.92 11.51 6.92
CA VAL A 130 2.30 12.73 6.21
C VAL A 130 3.63 13.22 6.71
N ASP A 131 3.79 13.28 8.04
CA ASP A 131 5.08 13.72 8.57
C ASP A 131 6.20 12.82 8.06
N GLY A 132 5.97 11.51 8.00
CA GLY A 132 7.01 10.59 7.57
C GLY A 132 7.49 10.87 6.16
N LEU A 133 6.56 11.25 5.28
CA LEU A 133 6.93 11.52 3.90
C LEU A 133 7.44 12.93 3.74
N LYS A 134 6.91 13.89 4.49
CA LYS A 134 7.32 15.28 4.40
C LYS A 134 8.78 15.46 4.83
N LEU A 135 9.24 14.67 5.80
CA LEU A 135 10.59 14.80 6.35
C LEU A 135 11.65 14.93 5.25
N LYS A 136 11.63 14.02 4.27
CA LYS A 136 12.60 14.13 3.20
C LYS A 136 11.99 14.69 1.90
N GLY A 137 10.67 14.65 1.73
CA GLY A 137 10.10 15.16 0.49
C GLY A 137 10.07 16.66 0.45
N LEU A 138 9.70 17.33 1.54
CA LEU A 138 9.58 18.78 1.48
C LEU A 138 10.89 19.52 1.19
N PRO A 139 12.03 19.15 1.76
CA PRO A 139 13.27 19.85 1.39
C PRO A 139 13.61 19.69 -0.07
N ARG A 140 13.09 18.65 -0.73
CA ARG A 140 13.33 18.46 -2.15
C ARG A 140 12.22 19.03 -3.00
N GLY A 141 11.28 19.74 -2.40
CA GLY A 141 10.25 20.40 -3.18
C GLY A 141 9.15 19.49 -3.70
N ARG A 142 9.05 18.27 -3.23
CA ARG A 142 8.08 17.31 -3.71
C ARG A 142 6.70 17.61 -3.16
N GLY A 143 5.70 16.99 -3.78
CA GLY A 143 4.34 17.09 -3.32
C GLY A 143 3.70 15.74 -3.06
N LEU A 144 2.63 15.79 -2.24
CA LEU A 144 1.90 14.58 -1.84
C LEU A 144 0.41 14.74 -2.14
N LEU A 145 -0.19 13.68 -2.72
CA LEU A 145 -1.65 13.56 -2.88
C LEU A 145 -2.18 12.58 -1.83
N LEU A 146 -3.26 12.95 -1.15
CA LEU A 146 -3.90 12.03 -0.20
C LEU A 146 -5.06 11.32 -0.85
N LEU A 147 -5.18 10.03 -0.59
CA LEU A 147 -6.30 9.23 -1.12
C LEU A 147 -7.54 9.49 -0.28
N ALA A 148 -8.37 10.41 -0.76
CA ALA A 148 -9.61 10.73 -0.05
C ALA A 148 -10.77 9.85 -0.48
N GLU A 149 -10.75 9.39 -1.73
CA GLU A 149 -11.72 8.48 -2.29
C GLU A 149 -10.98 7.56 -3.24
N MET A 150 -11.64 6.48 -3.65
CA MET A 150 -11.08 5.60 -4.70
C MET A 150 -12.17 5.21 -5.66
N SER A 151 -11.74 4.72 -6.81
CA SER A 151 -12.65 4.33 -7.88
C SER A 151 -13.09 2.88 -7.78
N SER A 152 -12.55 2.10 -6.84
CA SER A 152 -12.83 0.67 -6.80
C SER A 152 -14.09 0.36 -5.99
N SER A 153 -14.77 -0.69 -6.41
CA SER A 153 -16.05 -1.06 -5.82
C SER A 153 -15.88 -1.48 -4.37
N GLY A 154 -16.78 -1.01 -3.52
CA GLY A 154 -16.82 -1.46 -2.13
C GLY A 154 -15.72 -0.86 -1.25
N ASN A 155 -15.05 0.17 -1.71
CA ASN A 155 -13.94 0.73 -0.95
C ASN A 155 -14.46 1.47 0.30
N PHE A 156 -13.56 1.75 1.23
CA PHE A 156 -13.88 2.35 2.52
C PHE A 156 -13.46 3.81 2.62
N ALA A 157 -13.00 4.39 1.51
CA ALA A 157 -12.59 5.78 1.53
C ALA A 157 -13.82 6.63 1.19
N LYS A 158 -14.70 6.73 2.18
CA LYS A 158 -16.03 7.30 2.00
C LYS A 158 -16.40 8.06 3.25
N GLY A 159 -17.44 8.92 3.16
CA GLY A 159 -18.03 9.51 4.36
C GLY A 159 -17.03 10.16 5.28
N ASP A 160 -17.01 9.73 6.56
CA ASP A 160 -16.17 10.41 7.55
C ASP A 160 -14.69 10.21 7.23
N TYR A 161 -14.33 9.09 6.57
CA TYR A 161 -12.94 8.89 6.19
C TYR A 161 -12.48 9.92 5.16
N THR A 162 -13.29 10.17 4.13
CA THR A 162 -12.99 11.24 3.17
C THR A 162 -12.87 12.59 3.86
N ALA A 163 -13.79 12.87 4.79
CA ALA A 163 -13.73 14.17 5.45
C ALA A 163 -12.47 14.29 6.28
N ALA A 164 -12.00 13.17 6.86
CA ALA A 164 -10.75 13.23 7.60
C ALA A 164 -9.57 13.50 6.69
N ALA A 165 -9.58 12.94 5.47
CA ALA A 165 -8.46 13.22 4.56
C ALA A 165 -8.42 14.71 4.21
N VAL A 166 -9.59 15.35 4.04
CA VAL A 166 -9.63 16.79 3.80
C VAL A 166 -9.02 17.56 4.97
N LYS A 167 -9.37 17.18 6.20
CA LYS A 167 -8.82 17.90 7.34
C LYS A 167 -7.32 17.66 7.49
N ILE A 168 -6.84 16.43 7.24
CA ILE A 168 -5.41 16.19 7.31
C ILE A 168 -4.68 17.05 6.29
N ALA A 169 -5.22 17.15 5.06
CA ALA A 169 -4.59 18.00 4.08
C ALA A 169 -4.47 19.42 4.60
N GLU A 170 -5.53 19.92 5.27
CA GLU A 170 -5.53 21.31 5.74
C GLU A 170 -4.41 21.55 6.71
N GLY A 171 -4.02 20.54 7.48
CA GLY A 171 -2.93 20.68 8.42
C GLY A 171 -1.54 20.59 7.84
N HIS A 172 -1.42 20.31 6.53
CA HIS A 172 -0.14 20.04 5.90
C HIS A 172 -0.06 20.72 4.54
N SER A 173 -0.45 21.99 4.49
CA SER A 173 -0.49 22.71 3.21
C SER A 173 0.89 22.88 2.58
N ASP A 174 1.95 22.76 3.36
CA ASP A 174 3.28 22.89 2.77
C ASP A 174 3.64 21.72 1.87
N PHE A 175 2.97 20.59 2.03
CA PHE A 175 3.40 19.35 1.39
C PHE A 175 2.26 18.70 0.62
N VAL A 176 1.06 18.65 1.19
CA VAL A 176 -0.06 17.98 0.56
C VAL A 176 -0.61 18.93 -0.49
N ILE A 177 -0.51 18.53 -1.76
CA ILE A 177 -0.95 19.37 -2.88
C ILE A 177 -2.38 19.11 -3.27
N GLY A 178 -3.01 18.09 -2.74
CA GLY A 178 -4.38 17.77 -3.11
C GLY A 178 -4.69 16.31 -2.88
N PHE A 179 -5.67 15.83 -3.65
CA PHE A 179 -6.32 14.55 -3.40
C PHE A 179 -6.38 13.67 -4.64
N ILE A 180 -6.34 12.35 -4.39
CA ILE A 180 -7.02 11.40 -5.28
C ILE A 180 -8.48 11.39 -4.83
N SER A 181 -9.38 11.79 -5.72
CA SER A 181 -10.80 11.85 -5.37
C SER A 181 -11.58 11.42 -6.58
N VAL A 182 -12.88 11.19 -6.37
N VAL A 182 -12.89 11.15 -6.38
CA VAL A 182 -13.75 10.64 -7.39
CA VAL A 182 -13.72 10.66 -7.48
C VAL A 182 -14.94 11.55 -7.64
C VAL A 182 -15.01 11.49 -7.65
N ASN A 183 -15.54 12.08 -6.58
CA ASN A 183 -16.73 12.93 -6.71
C ASN A 183 -16.67 14.08 -5.72
N PRO A 184 -15.68 14.96 -5.85
CA PRO A 184 -15.55 16.02 -4.84
C PRO A 184 -16.69 17.04 -4.90
N ALA A 185 -17.38 17.16 -6.03
CA ALA A 185 -18.54 18.05 -6.08
C ALA A 185 -19.60 17.65 -5.09
N SER A 186 -19.69 16.35 -4.78
CA SER A 186 -20.68 15.84 -3.80
C SER A 186 -20.29 16.04 -2.33
N TRP A 187 -19.09 16.49 -2.03
CA TRP A 187 -18.70 16.66 -0.64
C TRP A 187 -19.48 17.82 -0.02
N PRO A 188 -19.60 17.83 1.35
CA PRO A 188 -20.41 18.86 2.03
C PRO A 188 -20.17 20.25 1.50
N SER A 189 -18.93 20.69 1.39
CA SER A 189 -18.67 22.01 0.86
C SER A 189 -18.03 21.96 -0.53
N GLY A 190 -18.32 20.92 -1.31
CA GLY A 190 -17.84 20.85 -2.68
C GLY A 190 -16.38 20.46 -2.69
N PRO A 191 -15.71 20.71 -3.83
CA PRO A 191 -14.28 20.35 -3.91
C PRO A 191 -13.42 21.08 -2.93
N GLY A 192 -13.85 22.24 -2.42
CA GLY A 192 -13.12 22.85 -1.33
C GLY A 192 -12.06 23.83 -1.78
N ASN A 193 -11.05 23.97 -0.98
CA ASN A 193 -10.02 24.99 -1.19
C ASN A 193 -9.42 24.83 -2.59
N PRO A 194 -9.54 25.82 -3.47
CA PRO A 194 -8.98 25.68 -4.82
C PRO A 194 -7.48 25.76 -4.85
N ALA A 195 -6.80 26.00 -3.73
CA ALA A 195 -5.36 25.86 -3.66
C ALA A 195 -4.92 24.40 -3.80
N LEU A 196 -5.85 23.46 -3.65
CA LEU A 196 -5.58 22.02 -3.71
C LEU A 196 -6.13 21.44 -5.01
N ILE A 197 -5.49 20.44 -5.51
N ILE A 197 -5.44 20.41 -5.55
CA ILE A 197 -5.91 19.86 -6.77
CA ILE A 197 -5.70 19.78 -6.87
C ILE A 197 -6.61 18.54 -6.49
C ILE A 197 -6.38 18.43 -6.67
N HIS A 198 -7.46 18.15 -7.42
CA HIS A 198 -8.14 16.87 -7.38
C HIS A 198 -7.76 16.08 -8.63
N ALA A 199 -7.30 14.84 -8.45
CA ALA A 199 -6.93 13.96 -9.58
C ALA A 199 -7.74 12.69 -9.44
N THR A 200 -8.41 12.25 -10.53
CA THR A 200 -9.42 11.20 -10.42
C THR A 200 -9.07 10.01 -11.29
N PRO A 201 -8.86 8.84 -10.69
CA PRO A 201 -8.72 7.60 -11.45
C PRO A 201 -10.10 7.00 -11.73
N GLY A 202 -10.10 5.97 -12.57
CA GLY A 202 -11.37 5.36 -12.96
C GLY A 202 -12.01 6.12 -14.12
N VAL A 203 -11.30 6.32 -15.23
CA VAL A 203 -11.75 7.18 -16.34
C VAL A 203 -11.62 6.39 -17.63
N GLN A 204 -12.74 6.28 -18.37
CA GLN A 204 -12.72 5.75 -19.73
C GLN A 204 -13.79 6.49 -20.51
N LEU A 205 -13.69 6.41 -21.84
CA LEU A 205 -14.65 7.15 -22.66
C LEU A 205 -16.07 6.65 -22.51
N ALA A 206 -16.26 5.38 -22.18
CA ALA A 206 -17.56 4.85 -21.83
C ALA A 206 -17.53 4.36 -20.40
N LYS A 207 -18.63 4.59 -19.69
CA LYS A 207 -18.79 4.01 -18.36
C LYS A 207 -18.67 2.49 -18.46
N GLY A 208 -18.21 1.89 -17.38
CA GLY A 208 -17.98 0.45 -17.37
C GLY A 208 -17.10 0.09 -16.17
N GLY A 209 -16.42 -1.04 -16.29
CA GLY A 209 -15.59 -1.49 -15.19
C GLY A 209 -14.66 -2.58 -15.69
N ASP A 210 -13.82 -3.06 -14.80
CA ASP A 210 -13.04 -4.26 -15.09
C ASP A 210 -13.57 -5.45 -14.27
N ALA A 211 -12.83 -6.55 -14.28
CA ALA A 211 -13.23 -7.76 -13.60
C ALA A 211 -12.82 -7.83 -12.14
N LEU A 212 -12.13 -6.79 -11.64
CA LEU A 212 -11.55 -6.78 -10.29
C LEU A 212 -11.91 -5.49 -9.57
N GLY A 213 -13.14 -4.97 -9.81
CA GLY A 213 -13.67 -3.88 -9.00
C GLY A 213 -13.40 -2.47 -9.49
N GLN A 214 -12.64 -2.28 -10.56
CA GLN A 214 -12.48 -0.93 -11.09
C GLN A 214 -13.79 -0.44 -11.68
N GLN A 215 -14.10 0.85 -11.50
CA GLN A 215 -15.33 1.46 -12.03
C GLN A 215 -14.92 2.68 -12.81
N TYR A 216 -15.45 2.82 -14.03
CA TYR A 216 -15.07 3.87 -14.94
C TYR A 216 -16.19 4.91 -15.12
N ASN A 217 -15.82 6.16 -15.10
CA ASN A 217 -16.68 7.29 -15.43
C ASN A 217 -16.06 8.04 -16.60
N THR A 218 -16.86 8.84 -17.34
CA THR A 218 -16.35 9.58 -18.49
C THR A 218 -15.54 10.81 -18.11
N PRO A 219 -14.62 11.24 -19.01
CA PRO A 219 -13.89 12.51 -18.75
C PRO A 219 -14.82 13.67 -18.43
N PHE A 220 -15.90 13.82 -19.23
CA PHE A 220 -16.75 14.96 -19.03
C PHE A 220 -17.42 14.90 -17.66
N SER A 221 -17.88 13.71 -17.23
CA SER A 221 -18.53 13.65 -15.94
C SER A 221 -17.53 13.92 -14.83
N VAL A 222 -16.32 13.40 -14.99
CA VAL A 222 -15.32 13.59 -13.92
C VAL A 222 -14.97 15.06 -13.71
N ILE A 223 -14.71 15.77 -14.81
CA ILE A 223 -14.26 17.15 -14.74
C ILE A 223 -15.42 18.10 -14.51
N SER A 224 -16.46 18.00 -15.36
CA SER A 224 -17.51 19.01 -15.36
C SER A 224 -18.57 18.75 -14.29
N GLU A 225 -19.04 17.50 -14.17
CA GLU A 225 -20.12 17.23 -13.23
C GLU A 225 -19.57 17.03 -11.82
N ARG A 226 -18.50 16.26 -11.66
CA ARG A 226 -17.98 15.88 -10.36
C ARG A 226 -16.90 16.83 -9.82
N GLY A 227 -16.52 17.85 -10.59
CA GLY A 227 -15.70 18.92 -10.08
C GLY A 227 -14.25 18.56 -9.86
N SER A 228 -13.74 17.53 -10.54
CA SER A 228 -12.32 17.23 -10.36
C SER A 228 -11.49 18.10 -11.29
N ASP A 229 -10.16 18.00 -11.15
CA ASP A 229 -9.27 18.82 -11.94
C ASP A 229 -8.47 18.07 -12.98
N ILE A 230 -8.20 16.79 -12.78
CA ILE A 230 -7.29 15.97 -13.57
C ILE A 230 -7.95 14.60 -13.75
N ILE A 231 -7.92 14.09 -15.00
CA ILE A 231 -8.36 12.72 -15.29
C ILE A 231 -7.13 11.80 -15.39
N ILE A 232 -7.16 10.68 -14.67
CA ILE A 232 -6.07 9.69 -14.70
C ILE A 232 -6.57 8.51 -15.51
N VAL A 233 -5.88 8.19 -16.62
CA VAL A 233 -6.35 7.17 -17.57
C VAL A 233 -5.21 6.19 -17.81
N GLY A 234 -5.49 4.91 -17.57
CA GLY A 234 -4.51 3.84 -17.79
C GLY A 234 -4.86 2.97 -18.99
N ARG A 235 -5.58 1.88 -18.74
CA ARG A 235 -5.92 0.92 -19.81
C ARG A 235 -6.64 1.56 -20.98
N GLY A 236 -7.42 2.61 -20.74
CA GLY A 236 -8.12 3.28 -21.85
C GLY A 236 -7.18 3.74 -22.94
N ILE A 237 -5.96 4.11 -22.58
CA ILE A 237 -4.93 4.55 -23.52
C ILE A 237 -3.92 3.45 -23.82
N ILE A 238 -3.40 2.78 -22.79
CA ILE A 238 -2.24 1.90 -23.04
C ILE A 238 -2.63 0.61 -23.75
N LYS A 239 -3.90 0.22 -23.76
CA LYS A 239 -4.33 -0.96 -24.48
C LYS A 239 -4.78 -0.62 -25.89
N ALA A 240 -4.62 0.64 -26.32
CA ALA A 240 -4.97 1.04 -27.67
C ALA A 240 -3.88 0.66 -28.66
N ALA A 241 -4.30 0.40 -29.90
CA ALA A 241 -3.34 0.17 -30.97
C ALA A 241 -2.53 1.43 -31.25
N ASN A 242 -3.17 2.60 -31.13
CA ASN A 242 -2.49 3.87 -31.27
C ASN A 242 -2.69 4.64 -29.97
N PRO A 243 -1.83 4.44 -28.96
CA PRO A 243 -2.01 5.17 -27.70
C PRO A 243 -1.93 6.68 -27.83
N ALA A 244 -1.03 7.22 -28.63
CA ALA A 244 -0.93 8.67 -28.72
C ALA A 244 -2.21 9.28 -29.25
N GLU A 245 -2.82 8.63 -30.23
CA GLU A 245 -4.05 9.19 -30.75
C GLU A 245 -5.17 9.06 -29.76
N VAL A 246 -5.28 7.92 -29.05
CA VAL A 246 -6.33 7.79 -28.04
C VAL A 246 -6.12 8.83 -26.92
N ALA A 247 -4.85 9.08 -26.54
CA ALA A 247 -4.56 10.05 -25.48
C ALA A 247 -5.00 11.45 -25.87
N ARG A 248 -4.88 11.77 -27.18
CA ARG A 248 -5.34 13.08 -27.61
C ARG A 248 -6.87 13.21 -27.52
N GLU A 249 -7.59 12.10 -27.73
CA GLU A 249 -9.04 12.13 -27.54
C GLU A 249 -9.40 12.40 -26.09
N TYR A 250 -8.72 11.72 -25.17
CA TYR A 250 -8.99 11.97 -23.75
C TYR A 250 -8.59 13.38 -23.34
N ARG A 251 -7.45 13.89 -23.83
N ARG A 251 -7.48 13.88 -23.87
CA ARG A 251 -7.05 15.25 -23.51
CA ARG A 251 -7.02 15.22 -23.54
C ARG A 251 -8.11 16.23 -23.94
C ARG A 251 -8.01 16.28 -24.00
N LEU A 252 -8.61 16.07 -25.18
CA LEU A 252 -9.56 17.07 -25.66
C LEU A 252 -10.85 17.03 -24.86
N GLN A 253 -11.31 15.82 -24.51
CA GLN A 253 -12.54 15.70 -23.73
C GLN A 253 -12.38 16.33 -22.35
N GLY A 254 -11.25 16.06 -21.68
CA GLY A 254 -11.10 16.60 -20.35
C GLY A 254 -10.89 18.10 -20.35
N TRP A 255 -10.15 18.63 -21.34
CA TRP A 255 -9.93 20.07 -21.40
C TRP A 255 -11.22 20.81 -21.76
N ASP A 256 -11.95 20.28 -22.75
CA ASP A 256 -13.21 20.94 -23.13
C ASP A 256 -14.21 20.93 -21.98
N ALA A 257 -14.21 19.84 -21.18
CA ALA A 257 -15.09 19.78 -20.03
C ALA A 257 -14.76 20.88 -19.03
N TYR A 258 -13.46 21.14 -18.84
CA TYR A 258 -13.05 22.21 -17.96
C TYR A 258 -13.39 23.59 -18.55
N LEU A 259 -13.16 23.76 -19.86
CA LEU A 259 -13.42 25.05 -20.53
C LEU A 259 -14.91 25.44 -20.46
N LEU A 260 -15.81 24.46 -20.37
CA LEU A 260 -17.23 24.76 -20.23
C LEU A 260 -17.51 25.63 -19.01
N HIS A 261 -16.68 25.53 -17.97
CA HIS A 261 -16.83 26.31 -16.75
C HIS A 261 -15.98 27.59 -16.72
N CYS A 262 -15.29 27.92 -17.79
CA CYS A 262 -14.53 29.16 -17.83
C CYS A 262 -15.15 30.19 -18.80
N PHE B 3 -12.79 -18.93 27.34
CA PHE B 3 -12.36 -20.18 26.70
C PHE B 3 -11.58 -19.90 25.42
N ARG B 4 -10.35 -20.41 25.34
CA ARG B 4 -9.48 -20.31 24.17
C ARG B 4 -9.18 -21.72 23.69
N LEU B 5 -9.46 -22.01 22.41
CA LEU B 5 -9.04 -23.29 21.86
C LEU B 5 -7.51 -23.33 21.73
N PRO B 6 -6.86 -24.43 22.08
CA PRO B 6 -5.42 -24.54 21.89
C PRO B 6 -5.04 -24.51 20.42
N TYR B 7 -3.79 -24.12 20.16
CA TYR B 7 -3.36 -24.06 18.74
C TYR B 7 -3.54 -25.42 18.07
N GLY B 8 -3.30 -26.50 18.82
CA GLY B 8 -3.43 -27.83 18.23
C GLY B 8 -4.84 -28.17 17.76
N GLU B 9 -5.85 -27.60 18.38
CA GLU B 9 -7.21 -27.79 17.88
C GLU B 9 -7.51 -26.88 16.70
N ARG B 10 -6.78 -25.79 16.55
CA ARG B 10 -7.04 -24.86 15.46
C ARG B 10 -6.34 -25.27 14.17
N VAL B 11 -5.27 -26.05 14.22
CA VAL B 11 -4.62 -26.60 13.01
C VAL B 11 -5.65 -27.22 12.06
N ARG B 12 -6.58 -28.01 12.61
CA ARG B 12 -7.54 -28.70 11.76
C ARG B 12 -8.64 -27.80 11.26
N LEU B 13 -8.76 -26.59 11.81
CA LEU B 13 -9.77 -25.65 11.37
C LEU B 13 -9.28 -24.76 10.23
N ALA B 14 -7.97 -24.52 10.17
CA ALA B 14 -7.44 -23.59 9.19
C ALA B 14 -7.77 -24.06 7.78
N LYS B 15 -8.31 -23.17 6.96
CA LYS B 15 -8.76 -23.55 5.64
C LYS B 15 -7.71 -23.35 4.54
N ASN B 16 -6.58 -22.73 4.85
CA ASN B 16 -5.58 -22.46 3.83
C ASN B 16 -4.27 -23.12 4.21
N PRO B 17 -3.48 -23.61 3.23
CA PRO B 17 -2.30 -24.44 3.56
C PRO B 17 -1.23 -23.67 4.28
N THR B 18 -1.07 -22.37 3.97
CA THR B 18 -0.12 -21.57 4.72
C THR B 18 -0.61 -21.29 6.13
N GLY B 19 -1.92 -21.06 6.31
CA GLY B 19 -2.45 -20.87 7.66
C GLY B 19 -2.24 -22.11 8.51
N LYS B 20 -2.48 -23.29 7.90
CA LYS B 20 -2.28 -24.53 8.66
C LYS B 20 -0.82 -24.69 9.05
N LYS B 21 0.09 -24.45 8.09
CA LYS B 21 1.50 -24.58 8.37
C LYS B 21 1.92 -23.66 9.51
N LEU B 22 1.38 -22.43 9.56
CA LEU B 22 1.75 -21.49 10.60
C LEU B 22 1.40 -22.03 11.98
N PHE B 23 0.18 -22.55 12.14
CA PHE B 23 -0.16 -23.18 13.42
C PHE B 23 0.77 -24.34 13.72
N GLU B 24 1.06 -25.18 12.71
CA GLU B 24 1.93 -26.35 12.95
C GLU B 24 3.31 -25.93 13.42
N ILE B 25 3.87 -24.89 12.83
CA ILE B 25 5.17 -24.38 13.27
C ILE B 25 5.12 -23.92 14.71
N MET B 26 4.09 -23.13 15.04
CA MET B 26 3.96 -22.60 16.39
C MET B 26 3.93 -23.72 17.41
N ILE B 27 3.16 -24.77 17.12
CA ILE B 27 3.03 -25.90 18.05
C ILE B 27 4.35 -26.65 18.14
N GLN B 28 4.98 -26.91 17.00
CA GLN B 28 6.21 -27.70 17.04
C GLN B 28 7.34 -27.01 17.79
N LYS B 29 7.52 -25.70 17.55
CA LYS B 29 8.64 -24.98 18.09
C LYS B 29 8.31 -24.22 19.35
N GLU B 30 7.07 -24.34 19.84
CA GLU B 30 6.64 -23.66 21.06
C GLU B 30 6.91 -22.17 20.96
N THR B 31 6.43 -21.60 19.83
CA THR B 31 6.67 -20.18 19.60
C THR B 31 5.45 -19.55 18.98
N ASN B 32 5.18 -18.30 19.41
CA ASN B 32 4.22 -17.45 18.76
C ASN B 32 4.86 -16.10 18.41
N LEU B 33 6.19 -16.12 18.25
CA LEU B 33 7.03 -14.94 18.02
C LEU B 33 7.31 -14.71 16.53
N CYS B 34 7.01 -13.51 16.07
CA CYS B 34 7.42 -13.07 14.72
C CYS B 34 8.44 -11.94 14.86
N LEU B 35 9.58 -12.08 14.18
CA LEU B 35 10.59 -11.03 14.17
C LEU B 35 10.27 -10.04 13.06
N ALA B 36 10.14 -8.79 13.44
CA ALA B 36 10.08 -7.71 12.44
C ALA B 36 11.51 -7.34 12.11
N ALA B 37 12.02 -7.87 10.98
CA ALA B 37 13.45 -7.83 10.68
C ALA B 37 13.85 -6.51 10.00
N ASP B 38 13.67 -5.42 10.73
CA ASP B 38 13.87 -4.06 10.20
C ASP B 38 15.33 -3.63 10.39
N VAL B 39 16.19 -4.22 9.57
CA VAL B 39 17.62 -3.95 9.59
C VAL B 39 17.94 -3.20 8.30
N ALA B 40 19.18 -2.73 8.20
CA ALA B 40 19.51 -1.77 7.15
C ALA B 40 19.65 -2.44 5.77
N THR B 41 20.23 -3.64 5.72
CA THR B 41 20.52 -4.31 4.45
C THR B 41 20.00 -5.75 4.42
N ALA B 42 19.88 -6.27 3.20
CA ALA B 42 19.58 -7.68 2.99
C ALA B 42 20.62 -8.58 3.65
N ALA B 43 21.89 -8.20 3.64
CA ALA B 43 22.90 -9.06 4.26
C ALA B 43 22.67 -9.17 5.77
N GLU B 44 22.34 -8.06 6.42
CA GLU B 44 22.01 -8.09 7.83
C GLU B 44 20.71 -8.86 8.08
N LEU B 45 19.75 -8.74 7.17
CA LEU B 45 18.50 -9.48 7.32
C LEU B 45 18.73 -10.98 7.31
N LEU B 46 19.49 -11.48 6.34
CA LEU B 46 19.77 -12.90 6.29
C LEU B 46 20.52 -13.36 7.53
N ASP B 47 21.45 -12.53 8.02
CA ASP B 47 22.22 -12.89 9.20
C ASP B 47 21.31 -12.98 10.44
N ILE B 48 20.45 -11.99 10.64
CA ILE B 48 19.65 -12.02 11.87
C ILE B 48 18.57 -13.11 11.77
N ALA B 49 18.08 -13.39 10.56
CA ALA B 49 17.12 -14.47 10.37
C ALA B 49 17.74 -15.81 10.78
N ASP B 50 19.02 -16.01 10.42
CA ASP B 50 19.70 -17.25 10.80
C ASP B 50 19.90 -17.32 12.31
N LYS B 51 20.23 -16.20 12.95
CA LYS B 51 20.48 -16.20 14.39
C LYS B 51 19.23 -16.41 15.21
N VAL B 52 18.10 -15.78 14.81
CA VAL B 52 16.89 -15.87 15.63
C VAL B 52 15.95 -16.95 15.14
N GLY B 53 16.26 -17.60 14.01
CA GLY B 53 15.44 -18.64 13.44
C GLY B 53 14.89 -19.68 14.40
N PRO B 54 15.67 -20.18 15.35
CA PRO B 54 15.14 -21.17 16.29
C PRO B 54 14.00 -20.69 17.15
N GLU B 55 13.84 -19.38 17.31
CA GLU B 55 12.88 -18.85 18.28
C GLU B 55 11.61 -18.32 17.66
N ILE B 56 11.48 -18.35 16.33
CA ILE B 56 10.39 -17.65 15.65
C ILE B 56 9.53 -18.59 14.84
N CYS B 57 8.25 -18.20 14.66
CA CYS B 57 7.38 -18.87 13.70
C CYS B 57 7.35 -18.16 12.34
N MET B 58 7.73 -16.89 12.29
CA MET B 58 7.56 -16.04 11.13
C MET B 58 8.62 -14.96 11.19
N LEU B 59 9.12 -14.60 10.01
CA LEU B 59 10.05 -13.50 9.83
C LEU B 59 9.37 -12.48 8.93
N LYS B 60 9.25 -11.25 9.41
CA LYS B 60 8.53 -10.21 8.68
C LYS B 60 9.53 -9.25 8.05
N THR B 61 9.39 -9.05 6.72
CA THR B 61 10.34 -8.26 5.95
C THR B 61 9.66 -7.05 5.32
N HIS B 62 10.48 -6.04 5.04
CA HIS B 62 10.12 -4.94 4.11
C HIS B 62 11.12 -4.97 2.95
N VAL B 63 10.80 -5.73 1.92
CA VAL B 63 11.79 -5.91 0.83
C VAL B 63 12.14 -4.59 0.14
N ASP B 64 11.23 -3.64 0.13
CA ASP B 64 11.44 -2.38 -0.56
C ASP B 64 12.24 -1.37 0.23
N ILE B 65 12.77 -1.70 1.41
N ILE B 65 12.76 -1.74 1.41
CA ILE B 65 13.70 -0.80 2.08
CA ILE B 65 13.67 -0.86 2.13
C ILE B 65 15.14 -1.27 2.01
C ILE B 65 15.15 -1.26 1.95
N LEU B 66 15.42 -2.41 1.35
CA LEU B 66 16.76 -2.98 1.32
C LEU B 66 17.53 -2.41 0.13
N PRO B 67 18.60 -1.64 0.39
CA PRO B 67 19.31 -1.01 -0.75
C PRO B 67 20.15 -2.00 -1.54
N ASP B 68 20.38 -3.19 -0.98
CA ASP B 68 21.17 -4.24 -1.61
C ASP B 68 20.32 -5.43 -2.02
N PHE B 69 19.00 -5.21 -2.27
CA PHE B 69 18.19 -6.26 -2.85
C PHE B 69 18.81 -6.75 -4.17
N THR B 70 18.79 -8.05 -4.37
CA THR B 70 19.28 -8.65 -5.60
C THR B 70 18.31 -9.77 -5.95
N PRO B 71 18.34 -10.25 -7.18
CA PRO B 71 17.40 -11.28 -7.60
C PRO B 71 17.44 -12.57 -6.81
N ASP B 72 18.56 -12.88 -6.14
CA ASP B 72 18.64 -14.10 -5.36
C ASP B 72 18.23 -13.92 -3.90
N PHE B 73 17.78 -12.72 -3.51
CA PHE B 73 17.42 -12.48 -2.11
C PHE B 73 16.35 -13.45 -1.66
N GLY B 74 15.31 -13.62 -2.45
CA GLY B 74 14.20 -14.46 -2.02
C GLY B 74 14.63 -15.89 -1.82
N SER B 75 15.43 -16.42 -2.74
N SER B 75 15.43 -16.43 -2.73
CA SER B 75 15.88 -17.80 -2.63
CA SER B 75 15.84 -17.81 -2.60
C SER B 75 16.76 -17.99 -1.41
C SER B 75 16.77 -18.00 -1.40
N LYS B 76 17.62 -17.02 -1.12
CA LYS B 76 18.50 -17.11 0.05
C LYS B 76 17.69 -17.03 1.34
N LEU B 77 16.65 -16.16 1.37
CA LEU B 77 15.84 -16.09 2.58
C LEU B 77 15.00 -17.36 2.74
N ARG B 78 14.45 -17.90 1.64
CA ARG B 78 13.72 -19.15 1.67
C ARG B 78 14.58 -20.30 2.20
N SER B 79 15.84 -20.33 1.82
N SER B 79 15.85 -20.34 1.84
CA SER B 79 16.73 -21.37 2.33
CA SER B 79 16.70 -21.41 2.37
C SER B 79 16.83 -21.29 3.84
C SER B 79 16.87 -21.30 3.88
N ILE B 80 16.96 -20.08 4.41
CA ILE B 80 17.05 -19.90 5.87
C ILE B 80 15.74 -20.28 6.55
N ALA B 81 14.61 -19.89 5.95
CA ALA B 81 13.30 -20.27 6.49
C ALA B 81 13.11 -21.78 6.49
N GLU B 82 13.60 -22.48 5.45
CA GLU B 82 13.49 -23.92 5.43
C GLU B 82 14.41 -24.55 6.47
N LYS B 83 15.61 -24.00 6.60
CA LYS B 83 16.60 -24.50 7.56
C LYS B 83 16.04 -24.43 8.98
N HIS B 84 15.44 -23.30 9.36
CA HIS B 84 14.98 -23.08 10.73
C HIS B 84 13.51 -23.32 10.94
N ASN B 85 12.75 -23.61 9.90
CA ASN B 85 11.32 -23.88 9.95
C ASN B 85 10.55 -22.67 10.48
N PHE B 86 10.53 -21.61 9.66
CA PHE B 86 9.64 -20.48 9.89
C PHE B 86 9.10 -20.02 8.54
N LEU B 87 8.03 -19.22 8.59
CA LEU B 87 7.44 -18.65 7.37
C LEU B 87 7.94 -17.23 7.14
N ILE B 88 7.93 -16.82 5.87
CA ILE B 88 8.32 -15.47 5.47
C ILE B 88 7.05 -14.65 5.21
N PHE B 89 6.95 -13.52 5.92
CA PHE B 89 5.83 -12.56 5.75
C PHE B 89 6.40 -11.27 5.22
N GLU B 90 6.03 -10.92 3.96
CA GLU B 90 6.41 -9.63 3.41
C GLU B 90 5.33 -8.60 3.76
N ASP B 91 5.73 -7.63 4.57
CA ASP B 91 4.82 -6.60 5.08
C ASP B 91 4.64 -5.48 4.05
N ARG B 92 4.02 -5.88 2.93
CA ARG B 92 3.89 -5.00 1.77
C ARG B 92 2.69 -4.07 1.89
N LYS B 93 1.70 -4.39 2.72
CA LYS B 93 0.52 -3.53 2.93
C LYS B 93 -0.05 -3.10 1.58
N PHE B 94 -0.35 -4.09 0.73
CA PHE B 94 -1.01 -3.82 -0.54
C PHE B 94 -2.25 -2.99 -0.27
N ALA B 95 -2.51 -2.04 -1.16
CA ALA B 95 -3.57 -1.09 -0.90
C ALA B 95 -4.11 -0.45 -2.16
N ASP B 96 -3.98 -1.15 -3.28
CA ASP B 96 -4.41 -0.61 -4.58
C ASP B 96 -5.62 -1.38 -5.08
N ILE B 97 -6.05 -1.02 -6.30
CA ILE B 97 -7.17 -1.71 -6.94
C ILE B 97 -6.74 -3.13 -7.31
N GLY B 98 -7.73 -4.00 -7.47
CA GLY B 98 -7.47 -5.41 -7.73
C GLY B 98 -6.52 -5.65 -8.90
N ASN B 99 -6.75 -4.98 -10.03
CA ASN B 99 -5.90 -5.29 -11.18
C ASN B 99 -4.45 -4.91 -10.95
N THR B 100 -4.22 -3.79 -10.28
CA THR B 100 -2.84 -3.38 -9.99
C THR B 100 -2.14 -4.32 -9.02
N VAL B 101 -2.81 -4.75 -7.96
CA VAL B 101 -2.10 -5.56 -6.99
C VAL B 101 -1.68 -6.89 -7.55
N THR B 102 -2.41 -7.44 -8.54
N THR B 102 -2.41 -7.43 -8.56
CA THR B 102 -1.95 -8.71 -9.12
CA THR B 102 -1.98 -8.68 -9.21
C THR B 102 -0.53 -8.57 -9.67
C THR B 102 -0.53 -8.55 -9.66
N MET B 103 -0.22 -7.43 -10.30
CA MET B 103 1.11 -7.20 -10.86
C MET B 103 2.12 -6.88 -9.79
N GLN B 104 1.71 -6.17 -8.74
CA GLN B 104 2.61 -5.84 -7.64
C GLN B 104 2.98 -7.06 -6.81
N TYR B 105 2.15 -8.08 -6.84
CA TYR B 105 2.38 -9.29 -6.05
C TYR B 105 3.16 -10.31 -6.86
N GLU B 106 2.72 -10.55 -8.11
CA GLU B 106 3.32 -11.63 -8.91
C GLU B 106 4.60 -11.17 -9.58
N GLY B 107 4.73 -9.92 -9.90
CA GLY B 107 5.75 -9.52 -10.85
C GLY B 107 6.66 -8.42 -10.34
N GLY B 108 7.08 -7.57 -11.28
CA GLY B 108 8.06 -6.55 -10.98
C GLY B 108 9.41 -7.12 -10.59
N ILE B 109 10.22 -6.27 -9.98
CA ILE B 109 11.56 -6.71 -9.56
C ILE B 109 11.49 -7.66 -8.37
N PHE B 110 10.52 -7.49 -7.45
CA PHE B 110 10.61 -8.26 -6.22
C PHE B 110 10.01 -9.64 -6.37
N LYS B 111 9.04 -9.85 -7.26
CA LYS B 111 8.35 -11.12 -7.41
C LYS B 111 7.97 -11.72 -6.05
N ILE B 112 7.26 -10.91 -5.25
CA ILE B 112 6.93 -11.24 -3.87
C ILE B 112 6.26 -12.61 -3.78
N LEU B 113 5.32 -12.94 -4.68
CA LEU B 113 4.63 -14.22 -4.69
C LEU B 113 5.60 -15.41 -4.65
N ASP B 114 6.77 -15.28 -5.28
CA ASP B 114 7.67 -16.42 -5.39
C ASP B 114 8.37 -16.79 -4.11
N TRP B 115 8.47 -15.90 -3.12
CA TRP B 115 9.25 -16.18 -1.92
C TRP B 115 8.53 -15.88 -0.60
N ALA B 116 7.49 -15.08 -0.59
CA ALA B 116 6.80 -14.77 0.68
C ALA B 116 5.64 -15.76 0.86
N ASP B 117 5.64 -16.46 2.00
CA ASP B 117 4.50 -17.31 2.31
C ASP B 117 3.23 -16.48 2.58
N ILE B 118 3.41 -15.36 3.26
CA ILE B 118 2.30 -14.52 3.72
C ILE B 118 2.60 -13.12 3.28
N VAL B 119 1.54 -12.43 2.85
CA VAL B 119 1.57 -10.98 2.66
C VAL B 119 0.39 -10.40 3.43
N ASN B 120 0.37 -9.05 3.55
CA ASN B 120 -0.78 -8.41 4.15
C ASN B 120 -1.35 -7.37 3.17
N ALA B 121 -2.60 -6.98 3.45
CA ALA B 121 -3.29 -5.99 2.62
C ALA B 121 -4.17 -5.15 3.52
N HIS B 122 -4.27 -3.87 3.19
CA HIS B 122 -5.35 -3.06 3.73
C HIS B 122 -6.65 -3.41 3.00
N ILE B 123 -7.78 -3.14 3.69
CA ILE B 123 -9.08 -3.33 3.06
C ILE B 123 -9.63 -2.06 2.43
N VAL B 124 -8.97 -0.92 2.63
CA VAL B 124 -9.51 0.37 2.22
C VAL B 124 -9.93 0.43 0.76
N SER B 125 -9.23 -0.25 -0.15
CA SER B 125 -9.61 -0.20 -1.56
C SER B 125 -10.76 -1.13 -1.92
N GLY B 126 -11.29 -1.87 -0.97
CA GLY B 126 -12.44 -2.70 -1.19
C GLY B 126 -12.05 -4.15 -1.40
N PRO B 127 -13.00 -5.06 -1.40
CA PRO B 127 -12.67 -6.50 -1.45
C PRO B 127 -12.08 -6.95 -2.75
N GLY B 128 -12.12 -6.13 -3.81
CA GLY B 128 -11.41 -6.50 -5.02
C GLY B 128 -9.91 -6.68 -4.81
N ILE B 129 -9.34 -6.05 -3.78
CA ILE B 129 -7.92 -6.28 -3.51
C ILE B 129 -7.66 -7.73 -3.17
N VAL B 130 -8.59 -8.35 -2.42
CA VAL B 130 -8.44 -9.76 -2.07
C VAL B 130 -8.60 -10.62 -3.31
N ASP B 131 -9.57 -10.30 -4.15
CA ASP B 131 -9.76 -11.06 -5.39
C ASP B 131 -8.48 -10.97 -6.24
N GLY B 132 -7.85 -9.82 -6.30
CA GLY B 132 -6.67 -9.70 -7.14
C GLY B 132 -5.47 -10.43 -6.59
N LEU B 133 -5.23 -10.34 -5.28
CA LEU B 133 -4.11 -11.10 -4.70
C LEU B 133 -4.38 -12.59 -4.75
N LYS B 134 -5.65 -13.02 -4.61
CA LYS B 134 -5.95 -14.43 -4.61
C LYS B 134 -5.70 -15.08 -5.97
N LEU B 135 -5.82 -14.32 -7.06
N LEU B 135 -5.85 -14.32 -7.05
CA LEU B 135 -5.71 -14.92 -8.38
CA LEU B 135 -5.79 -14.88 -8.40
C LEU B 135 -4.40 -15.70 -8.55
C LEU B 135 -4.57 -15.79 -8.59
N LYS B 136 -3.26 -15.09 -8.18
N LYS B 136 -3.39 -15.30 -8.21
CA LYS B 136 -2.00 -15.81 -8.26
CA LYS B 136 -2.20 -16.14 -8.28
C LYS B 136 -1.54 -16.39 -6.93
C LYS B 136 -1.71 -16.59 -6.90
N GLY B 137 -2.06 -15.89 -5.81
CA GLY B 137 -1.64 -16.37 -4.51
C GLY B 137 -2.22 -17.72 -4.14
N LEU B 138 -3.51 -17.91 -4.38
CA LEU B 138 -4.14 -19.15 -3.94
C LEU B 138 -3.64 -20.39 -4.68
N PRO B 139 -3.44 -20.35 -6.01
CA PRO B 139 -2.86 -21.55 -6.67
C PRO B 139 -1.48 -21.91 -6.12
N ARG B 140 -0.72 -20.93 -5.62
N ARG B 140 -0.74 -20.92 -5.63
CA ARG B 140 0.61 -21.15 -5.07
CA ARG B 140 0.59 -21.05 -5.07
C ARG B 140 0.54 -21.59 -3.60
C ARG B 140 0.55 -21.40 -3.58
N GLY B 141 -0.64 -21.55 -2.99
CA GLY B 141 -0.82 -21.97 -1.60
C GLY B 141 -0.48 -20.92 -0.57
N ARG B 142 -0.34 -19.67 -0.99
CA ARG B 142 0.02 -18.56 -0.10
C ARG B 142 -1.17 -18.16 0.77
N GLY B 143 -0.86 -17.34 1.79
CA GLY B 143 -1.88 -16.82 2.69
C GLY B 143 -1.81 -15.30 2.75
N LEU B 144 -2.96 -14.71 3.11
CA LEU B 144 -3.08 -13.26 3.25
C LEU B 144 -3.57 -12.87 4.64
N LEU B 145 -2.91 -11.90 5.26
CA LEU B 145 -3.40 -11.25 6.50
C LEU B 145 -4.02 -9.91 6.16
N LEU B 146 -5.22 -9.61 6.71
CA LEU B 146 -5.86 -8.33 6.50
C LEU B 146 -5.56 -7.41 7.63
N LEU B 147 -5.29 -6.14 7.32
CA LEU B 147 -5.01 -5.14 8.34
C LEU B 147 -6.33 -4.66 8.94
N ALA B 148 -6.75 -5.28 10.05
CA ALA B 148 -8.04 -4.93 10.66
C ALA B 148 -7.88 -3.81 11.68
N GLU B 149 -6.71 -3.68 12.32
CA GLU B 149 -6.40 -2.64 13.27
C GLU B 149 -4.94 -2.31 13.09
N MET B 150 -4.55 -1.14 13.58
CA MET B 150 -3.14 -0.78 13.49
C MET B 150 -2.64 -0.20 14.80
N SER B 151 -1.31 -0.24 14.99
CA SER B 151 -0.71 0.28 16.24
C SER B 151 -0.43 1.80 16.24
N SER B 152 -0.65 2.53 15.13
CA SER B 152 -0.20 3.92 15.04
C SER B 152 -1.25 4.93 15.46
N SER B 153 -0.78 6.11 15.86
CA SER B 153 -1.64 7.12 16.46
C SER B 153 -2.62 7.71 15.44
N GLY B 154 -3.89 7.83 15.83
CA GLY B 154 -4.90 8.46 15.00
C GLY B 154 -5.30 7.68 13.75
N ASN B 155 -5.02 6.38 13.74
CA ASN B 155 -5.35 5.58 12.56
C ASN B 155 -6.86 5.38 12.43
N PHE B 156 -7.29 4.94 11.27
CA PHE B 156 -8.71 4.79 10.93
C PHE B 156 -9.15 3.33 10.84
N ALA B 157 -8.25 2.42 11.22
CA ALA B 157 -8.57 0.99 11.23
C ALA B 157 -9.18 0.66 12.58
N LYS B 158 -10.44 1.08 12.72
N LYS B 158 -10.43 1.11 12.73
CA LYS B 158 -11.16 1.03 13.99
CA LYS B 158 -11.15 1.08 14.00
C LYS B 158 -12.62 0.72 13.68
C LYS B 158 -12.62 0.87 13.70
N GLY B 159 -13.37 0.38 14.72
CA GLY B 159 -14.82 0.44 14.63
C GLY B 159 -15.39 -0.37 13.51
N ASP B 160 -16.26 0.27 12.69
CA ASP B 160 -16.91 -0.41 11.60
C ASP B 160 -15.90 -0.88 10.57
N TYR B 161 -14.76 -0.18 10.44
CA TYR B 161 -13.74 -0.61 9.45
C TYR B 161 -13.16 -1.97 9.88
N THR B 162 -12.82 -2.09 11.17
CA THR B 162 -12.35 -3.37 11.68
C THR B 162 -13.39 -4.46 11.47
N ALA B 163 -14.68 -4.15 11.77
CA ALA B 163 -15.70 -5.16 11.59
C ALA B 163 -15.82 -5.57 10.12
N ALA B 164 -15.64 -4.62 9.19
CA ALA B 164 -15.66 -4.96 7.77
C ALA B 164 -14.52 -5.89 7.40
N ALA B 165 -13.36 -5.72 8.02
CA ALA B 165 -12.25 -6.64 7.75
C ALA B 165 -12.59 -8.06 8.15
N VAL B 166 -13.29 -8.23 9.29
CA VAL B 166 -13.71 -9.56 9.70
C VAL B 166 -14.64 -10.18 8.66
N LYS B 167 -15.64 -9.41 8.17
CA LYS B 167 -16.54 -9.96 7.18
C LYS B 167 -15.83 -10.30 5.87
N ILE B 168 -14.87 -9.45 5.44
CA ILE B 168 -14.10 -9.78 4.23
C ILE B 168 -13.30 -11.07 4.44
N ALA B 169 -12.66 -11.21 5.60
CA ALA B 169 -11.87 -12.41 5.84
C ALA B 169 -12.76 -13.64 5.75
N GLU B 170 -13.97 -13.56 6.33
N GLU B 170 -13.95 -13.57 6.36
CA GLU B 170 -14.80 -14.74 6.33
CA GLU B 170 -14.79 -14.76 6.38
C GLU B 170 -15.32 -15.09 4.96
C GLU B 170 -15.42 -15.07 5.02
N GLY B 171 -15.48 -14.10 4.10
CA GLY B 171 -15.91 -14.36 2.74
C GLY B 171 -14.81 -14.85 1.81
N HIS B 172 -13.58 -14.88 2.33
CA HIS B 172 -12.39 -15.18 1.54
C HIS B 172 -11.41 -16.05 2.30
N SER B 173 -11.93 -16.97 3.13
CA SER B 173 -11.05 -17.73 4.00
C SER B 173 -10.35 -18.85 3.26
N ASP B 174 -10.61 -19.05 1.96
CA ASP B 174 -9.70 -19.90 1.21
C ASP B 174 -8.30 -19.31 1.16
N PHE B 175 -8.19 -18.00 1.24
CA PHE B 175 -6.93 -17.28 1.07
C PHE B 175 -6.54 -16.42 2.27
N VAL B 176 -7.52 -15.77 2.93
CA VAL B 176 -7.23 -14.93 4.08
C VAL B 176 -7.06 -15.82 5.31
N ILE B 177 -5.85 -15.79 5.89
CA ILE B 177 -5.56 -16.65 7.03
C ILE B 177 -5.81 -15.94 8.34
N GLY B 178 -6.04 -14.65 8.32
CA GLY B 178 -6.23 -13.94 9.59
C GLY B 178 -5.96 -12.47 9.44
N PHE B 179 -5.59 -11.86 10.55
CA PHE B 179 -5.56 -10.42 10.71
C PHE B 179 -4.27 -9.94 11.31
N ILE B 180 -3.91 -8.72 10.95
CA ILE B 180 -3.10 -7.86 11.81
C ILE B 180 -4.09 -7.13 12.73
N SER B 181 -3.91 -7.29 14.04
CA SER B 181 -4.87 -6.71 14.98
C SER B 181 -4.13 -6.29 16.23
N VAL B 182 -4.77 -5.45 17.05
CA VAL B 182 -4.15 -4.89 18.25
C VAL B 182 -4.79 -5.39 19.52
N ASN B 183 -6.09 -5.44 19.56
CA ASN B 183 -6.81 -5.81 20.80
C ASN B 183 -8.05 -6.52 20.38
N PRO B 184 -7.91 -7.70 19.78
CA PRO B 184 -9.08 -8.40 19.34
C PRO B 184 -9.98 -8.86 20.50
N ALA B 185 -9.45 -9.01 21.73
CA ALA B 185 -10.36 -9.30 22.86
C ALA B 185 -11.42 -8.22 23.00
N SER B 186 -11.07 -6.97 22.66
N SER B 186 -11.08 -6.98 22.66
CA SER B 186 -11.99 -5.84 22.80
CA SER B 186 -12.02 -5.87 22.82
C SER B 186 -12.95 -5.68 21.62
C SER B 186 -12.85 -5.57 21.57
N TRP B 187 -12.75 -6.39 20.51
CA TRP B 187 -13.71 -6.33 19.38
C TRP B 187 -15.08 -6.75 19.86
N PRO B 188 -16.17 -6.32 19.17
CA PRO B 188 -17.51 -6.64 19.68
C PRO B 188 -17.70 -8.11 19.92
N SER B 189 -17.17 -8.94 19.04
CA SER B 189 -17.31 -10.38 19.15
C SER B 189 -16.03 -11.06 19.61
N GLY B 190 -15.06 -10.26 20.08
CA GLY B 190 -13.79 -10.82 20.47
C GLY B 190 -12.96 -11.21 19.26
N PRO B 191 -11.93 -12.01 19.50
CA PRO B 191 -11.04 -12.37 18.39
C PRO B 191 -11.79 -13.11 17.30
N GLY B 192 -12.87 -13.82 17.66
CA GLY B 192 -13.71 -14.44 16.66
C GLY B 192 -13.27 -15.83 16.21
N ASN B 193 -13.54 -16.16 14.97
CA ASN B 193 -13.50 -17.56 14.54
C ASN B 193 -12.09 -18.09 14.71
N PRO B 194 -11.89 -19.17 15.49
CA PRO B 194 -10.53 -19.63 15.77
C PRO B 194 -9.81 -20.23 14.55
N ALA B 195 -10.46 -20.45 13.44
CA ALA B 195 -9.77 -20.83 12.22
C ALA B 195 -8.89 -19.70 11.68
N LEU B 196 -9.08 -18.46 12.09
CA LEU B 196 -8.29 -17.32 11.66
C LEU B 196 -7.29 -16.91 12.74
N ILE B 197 -6.11 -16.48 12.31
N ILE B 197 -6.10 -16.50 12.33
CA ILE B 197 -5.02 -16.11 13.19
CA ILE B 197 -5.04 -16.15 13.27
C ILE B 197 -5.06 -14.59 13.42
C ILE B 197 -4.86 -14.64 13.36
N HIS B 198 -4.52 -14.17 14.56
CA HIS B 198 -4.22 -12.77 14.85
C HIS B 198 -2.76 -12.56 15.15
N ALA B 199 -2.15 -11.57 14.50
CA ALA B 199 -0.78 -11.19 14.76
C ALA B 199 -0.75 -9.71 15.09
N THR B 200 -0.01 -9.36 16.11
CA THR B 200 -0.07 -8.00 16.69
C THR B 200 1.29 -7.33 16.68
N PRO B 201 1.40 -6.14 16.08
CA PRO B 201 2.65 -5.39 16.10
C PRO B 201 2.71 -4.52 17.34
N GLY B 202 3.89 -3.97 17.56
CA GLY B 202 4.06 -3.04 18.65
C GLY B 202 4.35 -3.70 19.98
N VAL B 203 5.00 -4.87 19.99
CA VAL B 203 5.17 -5.63 21.23
C VAL B 203 6.55 -5.37 21.77
N GLN B 204 6.64 -5.08 23.08
CA GLN B 204 7.93 -4.86 23.70
C GLN B 204 7.84 -5.22 25.17
N LEU B 205 8.91 -5.81 25.71
CA LEU B 205 8.97 -6.10 27.15
C LEU B 205 9.11 -4.82 27.95
N GLN B 215 2.50 3.03 20.22
CA GLN B 215 2.71 2.63 21.61
C GLN B 215 3.03 1.13 21.69
N TYR B 216 3.63 0.71 22.81
CA TYR B 216 4.08 -0.68 23.00
C TYR B 216 3.28 -1.38 24.09
N ASN B 217 3.06 -2.67 23.88
CA ASN B 217 2.33 -3.50 24.83
C ASN B 217 3.16 -4.75 25.11
N THR B 218 3.03 -5.30 26.30
CA THR B 218 3.86 -6.42 26.66
C THR B 218 3.38 -7.72 25.98
N PRO B 219 4.28 -8.71 25.83
CA PRO B 219 3.82 -10.01 25.29
C PRO B 219 2.69 -10.58 26.08
N PHE B 220 2.78 -10.48 27.42
CA PHE B 220 1.73 -11.07 28.23
C PHE B 220 0.38 -10.41 27.98
N SER B 221 0.37 -9.06 27.92
CA SER B 221 -0.87 -8.37 27.65
C SER B 221 -1.43 -8.72 26.27
N VAL B 222 -0.56 -8.82 25.25
CA VAL B 222 -1.04 -9.02 23.91
C VAL B 222 -1.67 -10.39 23.74
N ILE B 223 -0.99 -11.41 24.30
CA ILE B 223 -1.46 -12.79 24.10
C ILE B 223 -2.55 -13.13 25.11
N SER B 224 -2.29 -12.90 26.40
N SER B 224 -2.29 -12.84 26.39
CA SER B 224 -3.27 -13.32 27.40
CA SER B 224 -3.18 -13.33 27.44
C SER B 224 -4.46 -12.36 27.43
C SER B 224 -4.37 -12.42 27.72
N GLU B 225 -4.20 -11.09 27.68
CA GLU B 225 -5.31 -10.18 27.94
C GLU B 225 -6.05 -9.82 26.66
N ARG B 226 -5.32 -9.53 25.59
CA ARG B 226 -5.92 -8.97 24.38
C ARG B 226 -6.30 -10.05 23.35
N GLY B 227 -6.01 -11.31 23.64
CA GLY B 227 -6.50 -12.38 22.82
C GLY B 227 -5.86 -12.54 21.45
N SER B 228 -4.64 -12.04 21.25
CA SER B 228 -3.98 -12.23 19.97
C SER B 228 -3.25 -13.56 19.99
N ASP B 229 -2.76 -13.98 18.81
CA ASP B 229 -2.09 -15.26 18.69
C ASP B 229 -0.58 -15.20 18.49
N ILE B 230 -0.06 -14.15 17.84
CA ILE B 230 1.34 -13.96 17.51
C ILE B 230 1.77 -12.57 17.91
N ILE B 231 2.93 -12.48 18.53
CA ILE B 231 3.52 -11.19 18.87
C ILE B 231 4.56 -10.83 17.80
N ILE B 232 4.46 -9.61 17.25
CA ILE B 232 5.45 -9.13 16.30
C ILE B 232 6.38 -8.18 17.03
N VAL B 233 7.67 -8.53 17.08
CA VAL B 233 8.66 -7.82 17.87
C VAL B 233 9.80 -7.39 16.93
N GLY B 234 10.20 -6.12 17.00
CA GLY B 234 11.27 -5.62 16.17
C GLY B 234 12.41 -5.09 17.01
N ARG B 235 12.29 -3.82 17.43
CA ARG B 235 13.41 -3.09 18.02
C ARG B 235 14.12 -3.85 19.16
N GLY B 236 13.35 -4.42 20.10
CA GLY B 236 13.98 -5.08 21.24
C GLY B 236 14.92 -6.19 20.84
N ILE B 237 14.60 -6.90 19.75
CA ILE B 237 15.49 -7.95 19.25
C ILE B 237 16.57 -7.39 18.33
N ILE B 238 16.16 -6.55 17.37
CA ILE B 238 17.05 -6.04 16.31
C ILE B 238 18.20 -5.27 16.91
N LYS B 239 17.95 -4.51 17.95
CA LYS B 239 18.97 -3.67 18.53
C LYS B 239 19.78 -4.34 19.62
N ALA B 240 19.46 -5.60 19.97
CA ALA B 240 20.15 -6.26 21.07
C ALA B 240 21.58 -6.61 20.68
N ALA B 241 22.46 -6.59 21.69
CA ALA B 241 23.81 -7.10 21.49
C ALA B 241 23.76 -8.56 21.07
N ASN B 242 22.81 -9.31 21.65
CA ASN B 242 22.68 -10.73 21.37
C ASN B 242 21.23 -10.98 20.97
N PRO B 243 20.92 -10.89 19.67
CA PRO B 243 19.52 -11.06 19.27
C PRO B 243 18.97 -12.44 19.59
N ALA B 244 19.77 -13.50 19.48
CA ALA B 244 19.26 -14.83 19.80
C ALA B 244 18.83 -14.91 21.25
N GLU B 245 19.59 -14.28 22.14
CA GLU B 245 19.26 -14.34 23.55
C GLU B 245 17.98 -13.60 23.86
N VAL B 246 17.80 -12.43 23.25
CA VAL B 246 16.60 -11.63 23.50
C VAL B 246 15.38 -12.29 22.84
N ALA B 247 15.56 -12.88 21.66
CA ALA B 247 14.46 -13.57 20.99
C ALA B 247 13.98 -14.73 21.83
N ARG B 248 14.89 -15.46 22.48
CA ARG B 248 14.46 -16.51 23.40
C ARG B 248 13.60 -15.95 24.53
N GLU B 249 13.99 -14.81 25.10
CA GLU B 249 13.18 -14.21 26.15
C GLU B 249 11.77 -13.90 25.67
N TYR B 250 11.65 -13.34 24.46
CA TYR B 250 10.33 -13.03 23.93
C TYR B 250 9.54 -14.28 23.62
N ARG B 251 10.20 -15.32 23.06
CA ARG B 251 9.47 -16.56 22.80
C ARG B 251 8.88 -17.10 24.09
N LEU B 252 9.70 -17.16 25.15
CA LEU B 252 9.21 -17.73 26.39
C LEU B 252 8.08 -16.91 26.98
N GLN B 253 8.18 -15.58 26.90
CA GLN B 253 7.08 -14.75 27.41
C GLN B 253 5.80 -14.99 26.62
N GLY B 254 5.89 -14.98 25.28
CA GLY B 254 4.66 -15.14 24.51
C GLY B 254 4.07 -16.54 24.64
N TRP B 255 4.95 -17.54 24.71
CA TRP B 255 4.46 -18.91 24.82
C TRP B 255 3.86 -19.19 26.19
N ASP B 256 4.49 -18.70 27.24
CA ASP B 256 3.94 -18.89 28.58
C ASP B 256 2.60 -18.16 28.72
N ALA B 257 2.46 -16.98 28.09
CA ALA B 257 1.18 -16.29 28.14
C ALA B 257 0.09 -17.12 27.49
N TYR B 258 0.41 -17.78 26.38
CA TYR B 258 -0.54 -18.65 25.72
C TYR B 258 -0.86 -19.86 26.58
N LEU B 259 0.16 -20.46 27.21
CA LEU B 259 -0.07 -21.67 28.01
C LEU B 259 -0.96 -21.40 29.20
N LEU B 260 -0.89 -20.19 29.75
CA LEU B 260 -1.75 -19.84 30.88
C LEU B 260 -3.22 -20.11 30.56
N HIS B 261 -3.63 -19.93 29.31
CA HIS B 261 -4.97 -20.30 28.89
C HIS B 261 -5.07 -21.72 28.33
N CYS B 262 -3.96 -22.38 28.02
CA CYS B 262 -3.96 -23.57 27.13
C CYS B 262 -3.01 -24.69 27.54
C1 EDO C . 9.87 18.45 -15.90
O1 EDO C . 10.74 18.17 -14.78
C2 EDO C . 8.79 19.52 -15.66
O2 EDO C . 8.80 20.55 -16.67
OP3 N D . -6.11 1.14 -16.11
P N D . -7.05 2.00 -15.33
OP1 N D . -7.39 3.26 -16.07
OP2 N D . -8.19 1.21 -14.85
O5' N D . -6.33 2.42 -13.94
C5' N D . -5.16 3.20 -13.99
C4' N D . -4.46 3.39 -12.66
O4' N D . -5.18 4.07 -11.58
C3' N D . -3.78 2.20 -12.03
O3' N D . -2.41 2.47 -12.07
C2' N D . -4.37 2.14 -10.61
O2' N D . -3.47 1.55 -9.65
C1' N D . -4.62 3.64 -10.36
C1 GOL E . 14.87 0.86 -19.21
O1 GOL E . 15.56 -0.12 -19.90
C2 GOL E . 15.74 1.34 -18.03
O2 GOL E . 17.19 1.23 -18.29
C3 GOL E . 15.15 0.62 -16.72
O3 GOL E . 15.71 1.25 -15.62
C1 EDO F . 11.30 15.02 -12.81
O1 EDO F . 10.33 15.95 -13.26
C2 EDO F . 10.84 14.34 -11.53
O2 EDO F . 12.01 14.11 -10.75
C1 EDO G . -6.01 29.08 -18.03
O1 EDO G . -6.28 29.67 -16.75
C2 EDO G . -6.98 27.96 -18.32
O2 EDO G . -8.24 28.58 -18.64
C1 GOL H . 6.12 -1.69 10.63
O1 GOL H . 6.33 -1.08 9.32
C2 GOL H . 7.49 -1.96 11.17
O2 GOL H . 8.13 -2.91 10.33
C3 GOL H . 7.30 -2.58 12.59
O3 GOL H . 6.58 -3.82 12.45
C1 GOL I . 8.46 -2.31 17.15
O1 GOL I . 9.79 -2.53 16.62
C2 GOL I . 7.85 -3.52 18.07
O2 GOL I . 8.74 -4.37 18.75
C3 GOL I . 6.78 -4.35 17.27
O3 GOL I . 6.94 -4.22 15.88
C1 EDO J . 0.85 -2.93 11.06
O1 EDO J . 2.25 -2.70 10.99
C2 EDO J . 0.03 -2.10 12.06
O2 EDO J . 0.73 -1.17 12.92
C1 EDO K . -0.55 -27.33 21.35
O1 EDO K . -1.98 -27.41 21.11
C2 EDO K . -0.19 -26.18 22.26
O2 EDO K . -0.71 -26.41 23.58
C1 PEG L . 9.07 -23.35 6.68
O1 PEG L . 8.83 -24.68 7.08
C2 PEG L . 9.49 -23.26 5.19
O2 PEG L . 9.29 -21.96 4.66
C3 PEG L . 9.91 -21.65 3.38
C4 PEG L . 9.63 -20.16 3.08
O4 PEG L . 9.18 -19.79 1.79
#